data_7FPK
#
_entry.id   7FPK
#
_cell.length_a   87.535
_cell.length_b   81.994
_cell.length_c   93.663
_cell.angle_alpha   90
_cell.angle_beta   108.22
_cell.angle_gamma   90
#
_symmetry.space_group_name_H-M   'C 1 2 1'
#
loop_
_entity.id
_entity.type
_entity.pdbx_description
1 polymer 'Pre-mRNA-splicing factor 8'
2 polymer 'A1 cistron-splicing factor AAR2'
3 non-polymer 1-[2-(pyrrolidin-1-yl)pyridin-3-yl]methanamine
4 water water
#
loop_
_entity_poly.entity_id
_entity_poly.type
_entity_poly.pdbx_seq_one_letter_code
_entity_poly.pdbx_strand_id
1 'polypeptide(L)'
;GAMNSSNYAELFNNDIKLFVDDTNVYRVTVHKTFEGNVATKAINGCIFTLNPKTGHLFLKIIHTSVWAGQKRLSQLAKWK
TAEEVSALVRSLPKEEQPKQIIVTRKAMLDPLEVHMLDFPNIAIRPTELRLPFSAAMSIDKLSDVVMKATEPQMVLFNIY
DDWLDRISSYTAFSRLTLLLRALKTNEESAKMILLSDPTITIKSYHLWPSFTDEQWITIESQMRDLILTEYGRKYNVNIS
ALTQTEIKDIILGQNIKA
;
A
2 'polypeptide(L)'
;GAMAMNTVPFTSAPIEVTIGIDQYSFNVKENQPFHGIKDIPIGHVHVIHFQHADNSSMRYGYWFDCRMGNFYIQYDPKDG
LYKMMEERDGAKFENIVHNFKERQMMVSYPKIDEDDTWYNLTEFVQMDKIRKIVRKDENQFSYVDSSMTTVQENELSSSS
SDPAHSLNYTVINFKSREAIRPGHEMEDFLDKSYYLNTVMLQGIFKNSSNYFGELQFAFLNAMFFGNYGSSLQWHAMIEL
ICSSATVPKHMLDKLDEILYYQIKTLPEQYSDILLNERVWNICLYSSFQKNSLHNTEKIMENKYPELL
;
B
#
loop_
_chem_comp.id
_chem_comp.type
_chem_comp.name
_chem_comp.formula
V7X non-polymer 1-[2-(pyrrolidin-1-yl)pyridin-3-yl]methanamine 'C10 H15 N3'
#
# COMPACT_ATOMS: atom_id res chain seq x y z
N GLY A 1 6.61 10.78 11.01
CA GLY A 1 5.16 10.76 10.95
C GLY A 1 4.59 12.08 10.45
N ALA A 2 3.41 12.45 10.94
CA ALA A 2 2.75 13.66 10.47
C ALA A 2 3.17 14.88 11.30
N MET A 3 2.99 16.06 10.70
CA MET A 3 3.44 17.33 11.25
C MET A 3 2.24 18.06 11.81
N ASN A 4 2.33 18.54 13.06
CA ASN A 4 1.17 19.16 13.70
C ASN A 4 1.65 20.21 14.69
N SER A 5 0.69 20.81 15.41
CA SER A 5 1.01 21.80 16.45
C SER A 5 2.06 21.28 17.43
N SER A 6 2.12 19.95 17.62
CA SER A 6 2.96 19.39 18.68
C SER A 6 4.42 19.28 18.30
N ASN A 7 4.74 19.15 17.00
CA ASN A 7 6.11 19.05 16.55
C ASN A 7 6.48 20.24 15.65
N TYR A 8 5.88 21.39 15.92
CA TYR A 8 5.96 22.58 15.06
C TYR A 8 7.37 23.16 14.98
N ALA A 9 8.18 23.02 16.02
CA ALA A 9 9.48 23.67 16.00
C ALA A 9 10.53 22.89 15.20
N GLU A 10 10.24 21.63 14.87
CA GLU A 10 11.14 20.87 14.03
C GLU A 10 11.34 21.56 12.68
N LEU A 11 10.38 22.39 12.28
CA LEU A 11 10.50 23.15 11.04
C LEU A 11 11.73 24.07 11.01
N PHE A 12 12.17 24.59 12.17
CA PHE A 12 13.23 25.58 12.19
C PHE A 12 14.55 25.00 12.69
N ASN A 13 14.69 23.68 12.71
CA ASN A 13 15.98 23.11 13.03
C ASN A 13 16.84 23.07 11.77
N ASN A 14 18.00 22.44 11.86
CA ASN A 14 19.00 22.56 10.81
C ASN A 14 18.99 21.39 9.83
N ASP A 15 17.95 20.53 9.88
CA ASP A 15 17.66 19.53 8.87
C ASP A 15 16.90 20.20 7.73
N ILE A 16 17.44 20.17 6.51
CA ILE A 16 16.76 20.82 5.40
C ILE A 16 15.42 20.17 5.12
N LYS A 17 14.36 20.98 5.04
CA LYS A 17 13.07 20.47 4.64
C LYS A 17 12.30 21.45 3.77
N LEU A 18 11.39 20.90 2.97
CA LEU A 18 10.51 21.66 2.12
C LEU A 18 9.05 21.32 2.34
N PHE A 19 8.24 22.38 2.41
CA PHE A 19 6.82 22.24 2.21
C PHE A 19 6.54 22.24 0.71
N VAL A 20 5.62 21.37 0.28
CA VAL A 20 5.06 21.39 -1.07
C VAL A 20 3.54 21.56 -1.02
N ASP A 21 3.04 22.65 -1.59
CA ASP A 21 1.61 22.88 -1.79
C ASP A 21 1.24 22.80 -3.28
N ASP A 22 0.19 22.05 -3.62
CA ASP A 22 -0.27 21.86 -5.01
C ASP A 22 -1.63 22.51 -5.29
N THR A 23 -2.13 23.29 -4.34
N THR A 23 -2.15 23.34 -4.38
CA THR A 23 -3.45 23.88 -4.49
CA THR A 23 -3.52 23.85 -4.56
C THR A 23 -3.54 24.61 -5.83
C THR A 23 -3.65 24.92 -5.63
N ASN A 24 -2.55 25.46 -6.14
CA ASN A 24 -2.59 26.36 -7.29
C ASN A 24 -1.99 25.76 -8.55
N VAL A 25 -1.81 24.44 -8.63
CA VAL A 25 -1.21 23.81 -9.79
C VAL A 25 -2.19 23.78 -10.96
N TYR A 26 -3.37 23.20 -10.78
CA TYR A 26 -4.41 23.15 -11.82
C TYR A 26 -5.50 24.15 -11.44
N ARG A 27 -5.59 25.23 -12.21
CA ARG A 27 -6.49 26.35 -11.96
C ARG A 27 -7.43 26.52 -13.14
N VAL A 28 -8.75 26.63 -12.86
CA VAL A 28 -9.71 26.80 -13.94
C VAL A 28 -10.68 27.95 -13.66
N THR A 29 -11.12 28.61 -14.72
CA THR A 29 -12.35 29.39 -14.71
C THR A 29 -13.44 28.57 -15.40
N VAL A 30 -14.55 28.34 -14.71
CA VAL A 30 -15.68 27.60 -15.28
C VAL A 30 -16.61 28.59 -15.99
N HIS A 31 -17.23 28.15 -17.08
CA HIS A 31 -18.08 29.01 -17.90
C HIS A 31 -19.08 28.16 -18.67
N LYS A 32 -19.89 28.83 -19.49
CA LYS A 32 -20.96 28.17 -20.25
C LYS A 32 -20.60 28.07 -21.73
N THR A 33 -20.88 26.91 -22.32
CA THR A 33 -20.74 26.72 -23.75
C THR A 33 -21.92 27.36 -24.48
N PHE A 34 -21.72 27.61 -25.78
CA PHE A 34 -22.79 28.19 -26.57
C PHE A 34 -24.06 27.36 -26.47
N GLU A 35 -23.92 26.04 -26.32
CA GLU A 35 -25.03 25.11 -26.16
C GLU A 35 -25.62 25.13 -24.76
N GLY A 36 -25.21 26.08 -23.91
CA GLY A 36 -25.68 26.11 -22.54
C GLY A 36 -25.14 25.00 -21.65
N ASN A 37 -24.02 24.38 -22.04
CA ASN A 37 -23.34 23.43 -21.18
C ASN A 37 -22.22 24.18 -20.45
N VAL A 38 -21.44 23.47 -19.67
CA VAL A 38 -20.38 24.11 -18.89
C VAL A 38 -19.04 23.53 -19.30
N ALA A 39 -18.04 24.40 -19.37
CA ALA A 39 -16.68 24.04 -19.68
C ALA A 39 -15.75 24.75 -18.71
N THR A 40 -14.57 24.17 -18.52
CA THR A 40 -13.46 24.81 -17.86
C THR A 40 -12.48 25.33 -18.88
N LYS A 41 -11.83 26.46 -18.55
CA LYS A 41 -10.64 26.93 -19.26
C LYS A 41 -9.53 27.10 -18.24
N ALA A 42 -8.40 26.42 -18.46
CA ALA A 42 -7.27 26.49 -17.55
C ALA A 42 -6.55 27.82 -17.68
N ILE A 43 -5.98 28.28 -16.55
CA ILE A 43 -5.03 29.38 -16.53
C ILE A 43 -3.74 28.87 -15.89
N ASN A 44 -2.67 29.64 -16.02
CA ASN A 44 -1.39 29.17 -15.55
C ASN A 44 -1.49 28.94 -14.05
N GLY A 45 -0.84 27.88 -13.58
CA GLY A 45 -0.65 27.64 -12.13
C GLY A 45 0.78 27.59 -11.65
N CYS A 46 0.99 27.13 -10.40
CA CYS A 46 2.33 27.05 -9.83
C CYS A 46 2.33 26.01 -8.71
N ILE A 47 3.48 25.33 -8.57
CA ILE A 47 3.81 24.57 -7.37
C ILE A 47 4.47 25.55 -6.40
N PHE A 48 4.04 25.51 -5.13
CA PHE A 48 4.53 26.38 -4.08
C PHE A 48 5.39 25.47 -3.22
N THR A 49 6.72 25.55 -3.37
CA THR A 49 7.66 24.69 -2.66
C THR A 49 8.57 25.59 -1.82
N LEU A 50 8.54 25.43 -0.50
CA LEU A 50 9.11 26.45 0.38
C LEU A 50 9.95 25.84 1.48
N ASN A 51 11.16 26.39 1.64
CA ASN A 51 12.01 26.07 2.78
C ASN A 51 11.60 26.99 3.92
N PRO A 52 10.94 26.48 4.98
CA PRO A 52 10.39 27.36 6.02
C PRO A 52 11.45 27.97 6.91
N LYS A 53 12.66 27.41 6.94
CA LYS A 53 13.76 27.97 7.71
C LYS A 53 14.39 29.19 7.03
N THR A 54 14.70 29.09 5.75
CA THR A 54 15.45 30.11 5.02
C THR A 54 14.58 31.08 4.22
N GLY A 55 13.32 30.71 3.99
CA GLY A 55 12.39 31.46 3.21
C GLY A 55 12.53 31.27 1.72
N HIS A 56 13.48 30.43 1.26
CA HIS A 56 13.63 30.20 -0.17
C HIS A 56 12.40 29.50 -0.74
N LEU A 57 11.87 30.06 -1.81
CA LEU A 57 10.63 29.67 -2.44
C LEU A 57 11.02 29.25 -3.84
N PHE A 58 10.80 27.99 -4.16
CA PHE A 58 10.92 27.49 -5.53
C PHE A 58 9.54 27.49 -6.20
N LEU A 59 9.27 28.55 -6.97
CA LEU A 59 7.95 28.72 -7.62
C LEU A 59 8.01 28.13 -9.01
N LYS A 60 7.56 26.86 -9.16
CA LYS A 60 7.55 26.25 -10.46
C LYS A 60 6.25 26.63 -11.15
N ILE A 61 6.36 27.34 -12.27
CA ILE A 61 5.18 27.79 -13.00
C ILE A 61 4.68 26.67 -13.94
N ILE A 62 3.38 26.42 -13.91
CA ILE A 62 2.70 25.34 -14.62
C ILE A 62 1.89 26.04 -15.68
N HIS A 63 2.37 25.95 -16.92
CA HIS A 63 1.77 26.62 -18.05
C HIS A 63 0.60 25.78 -18.58
N THR A 64 -0.47 26.44 -19.00
CA THR A 64 -1.69 25.73 -19.36
C THR A 64 -1.45 24.70 -20.48
N SER A 65 -0.37 24.85 -21.22
CA SER A 65 -0.05 23.91 -22.29
C SER A 65 0.19 22.51 -21.75
N VAL A 66 0.56 22.37 -20.46
N VAL A 66 0.56 22.37 -20.45
CA VAL A 66 0.80 21.05 -19.90
CA VAL A 66 0.76 21.07 -19.84
C VAL A 66 -0.48 20.20 -19.88
C VAL A 66 -0.49 20.20 -19.96
N TRP A 67 -1.66 20.82 -19.95
CA TRP A 67 -2.90 20.08 -19.81
C TRP A 67 -3.49 19.69 -21.16
N ALA A 68 -2.94 20.22 -22.25
CA ALA A 68 -3.57 20.07 -23.58
C ALA A 68 -3.72 18.60 -23.94
N GLY A 69 -4.94 18.20 -24.27
CA GLY A 69 -5.25 16.81 -24.62
C GLY A 69 -5.11 15.76 -23.52
N GLN A 70 -4.95 16.17 -22.27
CA GLN A 70 -4.87 15.19 -21.20
C GLN A 70 -6.24 15.00 -20.57
N LYS A 71 -6.42 13.83 -19.94
CA LYS A 71 -7.63 13.48 -19.22
C LYS A 71 -7.36 13.49 -17.72
N ARG A 72 -8.45 13.61 -16.95
CA ARG A 72 -8.43 13.53 -15.49
C ARG A 72 -7.35 14.45 -14.92
N LEU A 73 -7.49 15.74 -15.27
CA LEU A 73 -6.47 16.73 -14.93
C LEU A 73 -6.27 16.86 -13.43
N SER A 74 -7.35 16.91 -12.65
CA SER A 74 -7.19 17.05 -11.20
C SER A 74 -6.29 15.96 -10.66
N GLN A 75 -6.40 14.75 -11.22
CA GLN A 75 -5.51 13.65 -10.85
C GLN A 75 -4.13 13.86 -11.43
N LEU A 76 -4.06 14.22 -12.71
CA LEU A 76 -2.76 14.45 -13.34
C LEU A 76 -1.96 15.50 -12.58
N ALA A 77 -2.64 16.55 -12.06
CA ALA A 77 -1.95 17.65 -11.41
C ALA A 77 -1.13 17.17 -10.24
N LYS A 78 -1.65 16.18 -9.51
CA LYS A 78 -0.92 15.66 -8.37
C LYS A 78 0.36 14.97 -8.84
N TRP A 79 0.29 14.24 -9.95
CA TRP A 79 1.46 13.52 -10.51
C TRP A 79 2.46 14.47 -11.19
N LYS A 80 1.98 15.47 -11.93
CA LYS A 80 2.86 16.54 -12.45
C LYS A 80 3.60 17.26 -11.30
N THR A 81 2.88 17.61 -10.22
CA THR A 81 3.51 18.25 -9.06
C THR A 81 4.65 17.39 -8.54
N ALA A 82 4.35 16.09 -8.35
CA ALA A 82 5.35 15.14 -7.88
C ALA A 82 6.52 15.01 -8.86
N GLU A 83 6.25 14.95 -10.17
CA GLU A 83 7.33 14.92 -11.16
C GLU A 83 8.21 16.18 -11.03
N GLU A 84 7.59 17.35 -10.92
CA GLU A 84 8.39 18.58 -10.84
C GLU A 84 9.17 18.72 -9.50
N VAL A 85 8.61 18.24 -8.38
CA VAL A 85 9.36 18.33 -7.12
C VAL A 85 10.56 17.40 -7.18
N SER A 86 10.40 16.21 -7.75
N SER A 86 10.37 16.19 -7.73
CA SER A 86 11.52 15.28 -7.84
CA SER A 86 11.47 15.24 -7.89
C SER A 86 12.59 15.78 -8.80
C SER A 86 12.57 15.78 -8.80
N ALA A 87 12.20 16.41 -9.91
CA ALA A 87 13.19 17.05 -10.78
C ALA A 87 13.94 18.15 -10.04
N LEU A 88 13.21 18.92 -9.25
CA LEU A 88 13.89 19.97 -8.49
C LEU A 88 14.92 19.39 -7.54
N VAL A 89 14.58 18.28 -6.84
CA VAL A 89 15.54 17.73 -5.90
C VAL A 89 16.75 17.21 -6.64
N ARG A 90 16.54 16.52 -7.76
CA ARG A 90 17.67 16.02 -8.54
C ARG A 90 18.53 17.15 -9.06
N SER A 91 17.95 18.33 -9.28
CA SER A 91 18.75 19.46 -9.74
C SER A 91 19.63 20.07 -8.63
N LEU A 92 19.26 19.88 -7.33
CA LEU A 92 19.98 20.51 -6.26
C LEU A 92 21.24 19.70 -5.98
N PRO A 93 22.33 20.38 -5.62
CA PRO A 93 23.48 19.64 -5.10
C PRO A 93 23.07 18.79 -3.92
N LYS A 94 23.87 17.76 -3.68
CA LYS A 94 23.54 16.76 -2.67
C LYS A 94 23.38 17.39 -1.29
N GLU A 95 24.29 18.28 -0.92
CA GLU A 95 24.25 18.93 0.39
C GLU A 95 23.10 19.92 0.51
N GLU A 96 22.35 20.17 -0.55
CA GLU A 96 21.19 21.04 -0.52
C GLU A 96 19.88 20.28 -0.60
N GLN A 97 19.93 18.98 -0.89
CA GLN A 97 18.70 18.22 -1.01
C GLN A 97 18.03 18.08 0.35
N PRO A 98 16.70 18.10 0.40
CA PRO A 98 16.01 18.00 1.68
C PRO A 98 16.11 16.61 2.28
N LYS A 99 16.02 16.56 3.59
N LYS A 99 16.02 16.57 3.60
CA LYS A 99 15.86 15.29 4.28
CA LYS A 99 15.86 15.31 4.32
C LYS A 99 14.40 14.91 4.48
C LYS A 99 14.40 14.90 4.41
N GLN A 100 13.49 15.88 4.42
CA GLN A 100 12.06 15.63 4.47
C GLN A 100 11.36 16.58 3.50
N ILE A 101 10.24 16.10 2.96
CA ILE A 101 9.30 16.92 2.20
C ILE A 101 7.94 16.78 2.86
N ILE A 102 7.36 17.91 3.28
CA ILE A 102 6.05 17.93 3.92
C ILE A 102 5.02 18.43 2.90
N VAL A 103 4.11 17.53 2.48
CA VAL A 103 3.03 17.93 1.60
C VAL A 103 1.89 18.51 2.40
N THR A 104 1.30 19.57 1.88
CA THR A 104 0.19 20.18 2.60
C THR A 104 -1.12 19.42 2.40
N ARG A 105 -1.22 18.59 1.35
CA ARG A 105 -2.41 17.76 1.12
C ARG A 105 -2.06 16.29 1.00
N LYS A 106 -2.83 15.43 1.71
CA LYS A 106 -2.46 14.02 1.83
C LYS A 106 -2.52 13.29 0.49
N ALA A 107 -3.33 13.79 -0.44
CA ALA A 107 -3.39 13.19 -1.77
C ALA A 107 -2.06 13.28 -2.52
N MET A 108 -1.12 14.11 -2.08
CA MET A 108 0.17 14.14 -2.72
C MET A 108 1.12 13.06 -2.21
N LEU A 109 0.75 12.30 -1.16
CA LEU A 109 1.74 11.40 -0.58
C LEU A 109 2.16 10.32 -1.57
N ASP A 110 1.24 9.59 -2.13
CA ASP A 110 1.67 8.48 -2.98
C ASP A 110 2.31 8.99 -4.26
N PRO A 111 1.72 9.96 -4.94
CA PRO A 111 2.41 10.53 -6.12
C PRO A 111 3.84 10.92 -5.82
N LEU A 112 4.08 11.62 -4.71
CA LEU A 112 5.45 12.08 -4.44
C LEU A 112 6.31 10.89 -4.01
N GLU A 113 5.76 9.97 -3.20
CA GLU A 113 6.52 8.80 -2.80
C GLU A 113 7.07 8.05 -4.03
N VAL A 114 6.20 7.79 -5.01
CA VAL A 114 6.55 7.02 -6.19
C VAL A 114 7.62 7.75 -7.03
N HIS A 115 7.45 9.06 -7.25
CA HIS A 115 8.52 9.78 -7.95
C HIS A 115 9.84 9.83 -7.17
N MET A 116 9.82 9.70 -5.85
CA MET A 116 11.06 9.85 -5.08
C MET A 116 11.64 8.51 -4.70
N LEU A 117 11.33 7.45 -5.46
CA LEU A 117 11.81 6.12 -5.07
C LEU A 117 13.32 6.06 -5.08
N ASP A 118 13.94 6.82 -5.97
CA ASP A 118 15.38 6.96 -6.05
C ASP A 118 15.98 7.63 -4.83
N PHE A 119 15.14 8.18 -3.94
CA PHE A 119 15.58 8.90 -2.74
C PHE A 119 14.93 8.28 -1.51
N PRO A 120 15.34 7.05 -1.15
CA PRO A 120 14.70 6.35 -0.04
C PRO A 120 14.90 7.01 1.30
N ASN A 121 15.93 7.82 1.45
CA ASN A 121 16.21 8.46 2.72
C ASN A 121 15.54 9.84 2.86
N ILE A 122 14.80 10.31 1.87
CA ILE A 122 14.00 11.53 2.00
C ILE A 122 12.60 11.17 2.47
N ALA A 123 12.30 11.61 3.70
CA ALA A 123 11.03 11.32 4.34
C ALA A 123 9.94 12.17 3.71
N ILE A 124 8.90 11.53 3.21
CA ILE A 124 7.72 12.21 2.71
C ILE A 124 6.66 12.21 3.81
N ARG A 125 6.20 13.39 4.21
CA ARG A 125 5.35 13.51 5.39
C ARG A 125 4.11 14.33 5.09
N PRO A 126 3.00 13.96 5.67
CA PRO A 126 1.80 14.83 5.64
C PRO A 126 1.75 15.78 6.80
N THR A 127 0.68 16.56 6.89
CA THR A 127 0.55 17.44 8.03
C THR A 127 -0.91 17.57 8.47
N GLU A 128 -1.09 17.71 9.79
N GLU A 128 -1.10 17.71 9.77
CA GLU A 128 -2.40 17.97 10.38
CA GLU A 128 -2.45 17.97 10.29
C GLU A 128 -2.75 19.45 10.35
C GLU A 128 -2.77 19.46 10.31
N LEU A 129 -1.80 20.32 10.02
CA LEU A 129 -2.05 21.74 9.96
C LEU A 129 -2.73 22.13 8.66
N ARG A 130 -3.53 23.16 8.74
CA ARG A 130 -4.34 23.65 7.65
C ARG A 130 -3.71 24.93 7.08
N LEU A 131 -2.47 24.78 6.58
CA LEU A 131 -1.63 25.91 6.19
C LEU A 131 -2.23 26.74 5.05
N PRO A 132 -1.99 28.07 5.04
CA PRO A 132 -2.73 28.93 4.14
C PRO A 132 -2.00 29.19 2.84
N PHE A 133 -1.20 28.22 2.39
CA PHE A 133 -0.34 28.52 1.25
C PHE A 133 -1.16 28.70 -0.02
N SER A 134 -2.41 28.26 -0.04
CA SER A 134 -3.25 28.53 -1.21
C SER A 134 -3.30 30.02 -1.53
N ALA A 135 -3.14 30.89 -0.53
CA ALA A 135 -3.21 32.32 -0.73
C ALA A 135 -1.97 32.90 -1.39
N ALA A 136 -1.00 32.07 -1.82
CA ALA A 136 0.22 32.58 -2.42
C ALA A 136 -0.06 33.40 -3.67
N MET A 137 -1.12 33.04 -4.37
CA MET A 137 -1.54 33.78 -5.55
C MET A 137 -2.28 35.06 -5.18
N SER A 138 -2.34 35.42 -3.90
CA SER A 138 -2.74 36.75 -3.51
C SER A 138 -1.57 37.70 -3.33
N ILE A 139 -0.34 37.20 -3.38
CA ILE A 139 0.84 38.06 -3.38
C ILE A 139 1.05 38.54 -4.82
N ASP A 140 0.99 39.86 -5.02
CA ASP A 140 0.86 40.41 -6.37
C ASP A 140 2.03 40.00 -7.27
N LYS A 141 3.26 40.08 -6.75
CA LYS A 141 4.40 39.71 -7.60
C LYS A 141 4.38 38.25 -8.02
N LEU A 142 3.90 37.34 -7.17
CA LEU A 142 3.86 35.91 -7.54
C LEU A 142 2.75 35.66 -8.54
N SER A 143 1.58 36.25 -8.31
CA SER A 143 0.48 36.17 -9.26
C SER A 143 0.88 36.71 -10.62
N ASP A 144 1.59 37.84 -10.65
CA ASP A 144 1.93 38.48 -11.91
C ASP A 144 2.82 37.58 -12.74
N VAL A 145 3.85 37.01 -12.11
CA VAL A 145 4.83 36.20 -12.85
C VAL A 145 4.21 34.91 -13.31
N VAL A 146 3.26 34.33 -12.56
CA VAL A 146 2.56 33.15 -13.04
C VAL A 146 1.69 33.47 -14.28
N MET A 147 0.92 34.56 -14.16
N MET A 147 0.91 34.55 -14.18
N MET A 147 0.89 34.54 -14.18
CA MET A 147 -0.06 34.92 -15.19
CA MET A 147 -0.06 34.84 -15.24
CA MET A 147 -0.05 34.77 -15.29
C MET A 147 0.59 35.35 -16.50
C MET A 147 0.62 35.25 -16.54
C MET A 147 0.66 35.19 -16.58
N LYS A 148 1.83 35.81 -16.47
CA LYS A 148 2.54 36.26 -17.66
C LYS A 148 3.39 35.18 -18.32
N ALA A 149 3.66 34.06 -17.65
CA ALA A 149 4.54 33.06 -18.23
C ALA A 149 3.93 32.51 -19.52
N THR A 150 4.77 32.36 -20.55
CA THR A 150 4.37 31.78 -21.83
C THR A 150 4.92 30.37 -22.05
N GLU A 151 5.69 29.84 -21.10
CA GLU A 151 6.32 28.55 -21.17
C GLU A 151 6.54 28.08 -19.74
N PRO A 152 6.77 26.78 -19.52
CA PRO A 152 7.19 26.34 -18.18
C PRO A 152 8.40 27.12 -17.68
N GLN A 153 8.41 27.42 -16.38
CA GLN A 153 9.43 28.30 -15.89
C GLN A 153 9.53 28.12 -14.39
N MET A 154 10.75 28.13 -13.86
CA MET A 154 11.01 28.19 -12.41
C MET A 154 11.55 29.57 -12.02
N VAL A 155 10.94 30.17 -11.01
CA VAL A 155 11.31 31.47 -10.46
C VAL A 155 11.58 31.31 -8.97
N LEU A 156 12.68 31.92 -8.51
CA LEU A 156 13.16 31.79 -7.14
C LEU A 156 12.91 33.08 -6.40
N PHE A 157 12.31 32.99 -5.21
CA PHE A 157 12.08 34.14 -4.38
C PHE A 157 12.52 33.79 -2.96
N ASN A 158 12.72 34.80 -2.16
CA ASN A 158 12.75 34.66 -0.70
C ASN A 158 11.43 35.22 -0.17
N ILE A 159 10.56 34.34 0.35
CA ILE A 159 9.24 34.79 0.77
C ILE A 159 9.31 35.61 2.05
N TYR A 160 10.48 35.67 2.71
CA TYR A 160 10.70 36.45 3.93
C TYR A 160 11.34 37.79 3.66
N ASP A 161 11.47 38.18 2.40
CA ASP A 161 12.25 39.39 2.06
C ASP A 161 13.51 39.38 2.94
N ASP A 162 13.76 40.47 3.67
CA ASP A 162 14.96 40.61 4.50
C ASP A 162 14.67 40.38 5.97
N TRP A 163 13.59 39.67 6.31
CA TRP A 163 13.17 39.64 7.69
C TRP A 163 14.19 38.93 8.56
N LEU A 164 14.87 37.92 8.01
CA LEU A 164 15.75 37.10 8.83
C LEU A 164 16.94 37.90 9.35
N ASP A 165 17.20 39.09 8.81
CA ASP A 165 18.20 39.99 9.40
C ASP A 165 17.80 40.43 10.79
N ARG A 166 16.50 40.51 11.06
CA ARG A 166 16.05 41.06 12.33
C ARG A 166 15.29 40.10 13.22
N ILE A 167 14.67 39.03 12.66
CA ILE A 167 13.88 38.07 13.40
C ILE A 167 14.33 36.66 13.06
N SER A 168 13.92 35.73 13.90
CA SER A 168 14.24 34.32 13.71
C SER A 168 13.31 33.69 12.65
N SER A 169 13.65 32.46 12.25
N SER A 169 13.61 32.45 12.26
CA SER A 169 12.82 31.74 11.29
CA SER A 169 12.79 31.77 11.27
C SER A 169 11.45 31.48 11.89
C SER A 169 11.49 31.26 11.85
N TYR A 170 11.41 31.08 13.17
CA TYR A 170 10.13 30.76 13.78
C TYR A 170 9.22 31.98 13.66
N THR A 171 9.75 33.14 13.98
CA THR A 171 8.97 34.38 13.97
C THR A 171 8.59 34.74 12.53
N ALA A 172 9.51 34.52 11.61
CA ALA A 172 9.26 34.85 10.19
C ALA A 172 8.16 33.94 9.60
N PHE A 173 8.22 32.64 9.86
CA PHE A 173 7.15 31.76 9.43
C PHE A 173 5.82 32.16 10.05
N SER A 174 5.82 32.54 11.32
CA SER A 174 4.56 32.94 11.96
C SER A 174 3.99 34.19 11.31
N ARG A 175 4.83 35.18 11.04
CA ARG A 175 4.37 36.33 10.28
C ARG A 175 3.83 35.93 8.92
N LEU A 176 4.56 35.09 8.21
CA LEU A 176 4.12 34.67 6.86
C LEU A 176 2.74 34.04 6.90
N THR A 177 2.55 33.10 7.84
CA THR A 177 1.29 32.39 7.89
C THR A 177 0.18 33.32 8.38
N LEU A 178 0.49 34.32 9.18
CA LEU A 178 -0.53 35.31 9.55
C LEU A 178 -0.99 36.10 8.33
N LEU A 179 -0.03 36.61 7.57
CA LEU A 179 -0.37 37.37 6.37
C LEU A 179 -1.17 36.51 5.41
N LEU A 180 -0.71 35.30 5.17
CA LEU A 180 -1.39 34.48 4.17
C LEU A 180 -2.77 34.09 4.65
N ARG A 181 -2.90 33.80 5.94
CA ARG A 181 -4.21 33.45 6.49
C ARG A 181 -5.16 34.64 6.37
N ALA A 182 -4.65 35.86 6.56
CA ALA A 182 -5.48 37.05 6.40
C ALA A 182 -5.90 37.25 4.94
N LEU A 183 -4.96 37.11 4.00
CA LEU A 183 -5.32 37.27 2.60
C LEU A 183 -6.31 36.19 2.16
N LYS A 184 -6.26 35.03 2.81
CA LYS A 184 -7.14 33.93 2.47
C LYS A 184 -8.55 34.15 2.96
N THR A 185 -8.72 34.80 4.12
N THR A 185 -8.72 34.81 4.10
CA THR A 185 -10.06 35.00 4.67
CA THR A 185 -10.03 35.00 4.69
C THR A 185 -10.73 36.22 4.08
C THR A 185 -10.74 36.24 4.17
N ASN A 186 -9.98 37.30 3.85
CA ASN A 186 -10.55 38.50 3.24
C ASN A 186 -9.40 39.19 2.50
N GLU A 187 -9.21 38.79 1.24
CA GLU A 187 -8.14 39.35 0.43
C GLU A 187 -8.25 40.85 0.33
N GLU A 188 -9.47 41.36 0.12
CA GLU A 188 -9.64 42.80 -0.06
C GLU A 188 -9.14 43.55 1.17
N SER A 189 -9.58 43.14 2.35
CA SER A 189 -9.17 43.84 3.57
C SER A 189 -7.68 43.68 3.81
N ALA A 190 -7.17 42.44 3.77
CA ALA A 190 -5.74 42.22 3.94
C ALA A 190 -4.92 43.17 3.08
N LYS A 191 -5.29 43.31 1.81
CA LYS A 191 -4.47 44.10 0.91
C LYS A 191 -4.63 45.58 1.20
N MET A 192 -5.78 46.00 1.73
CA MET A 192 -5.93 47.39 2.16
CA MET A 192 -5.94 47.38 2.17
C MET A 192 -4.99 47.70 3.31
N ILE A 193 -4.85 46.78 4.26
CA ILE A 193 -3.97 47.00 5.40
C ILE A 193 -2.53 47.17 4.94
N LEU A 194 -2.12 46.38 3.96
CA LEU A 194 -0.71 46.37 3.58
C LEU A 194 -0.34 47.64 2.82
N LEU A 195 -1.28 48.22 2.09
CA LEU A 195 -1.03 49.37 1.23
C LEU A 195 -1.69 50.64 1.76
N SER A 196 -2.17 50.63 2.99
CA SER A 196 -2.97 51.75 3.47
C SER A 196 -2.17 53.05 3.43
N ASP A 197 -0.96 53.03 3.98
CA ASP A 197 -0.10 54.20 4.12
C ASP A 197 0.77 54.40 2.88
N PRO A 198 0.43 55.36 1.99
CA PRO A 198 1.20 55.51 0.75
C PRO A 198 2.70 55.65 0.94
N THR A 199 3.15 55.97 2.16
CA THR A 199 4.57 56.22 2.43
C THR A 199 5.39 54.94 2.58
N ILE A 200 4.77 53.79 2.85
CA ILE A 200 5.50 52.54 2.99
C ILE A 200 5.44 51.80 1.65
N THR A 201 6.60 51.56 1.06
CA THR A 201 6.68 50.98 -0.27
C THR A 201 7.14 49.53 -0.21
N ILE A 202 7.03 48.86 -1.36
CA ILE A 202 7.56 47.53 -1.56
C ILE A 202 8.82 47.66 -2.42
N LYS A 203 9.94 47.19 -1.90
CA LYS A 203 11.17 47.26 -2.67
C LYS A 203 11.03 46.42 -3.94
N SER A 204 11.74 46.86 -4.98
CA SER A 204 11.77 46.15 -6.24
C SER A 204 12.15 44.67 -6.05
N TYR A 205 13.03 44.36 -5.11
CA TYR A 205 13.49 43.00 -4.94
C TYR A 205 12.77 42.28 -3.79
N HIS A 206 11.64 42.79 -3.35
CA HIS A 206 10.91 42.19 -2.24
C HIS A 206 9.46 41.96 -2.62
N LEU A 207 8.75 41.23 -1.75
CA LEU A 207 7.35 40.90 -2.02
C LEU A 207 6.41 41.69 -1.13
N TRP A 208 6.85 42.03 0.05
CA TRP A 208 6.02 42.68 1.04
C TRP A 208 6.56 44.09 1.30
N PRO A 209 5.77 44.95 1.92
CA PRO A 209 6.26 46.31 2.23
C PRO A 209 7.39 46.36 3.25
N SER A 210 8.07 47.50 3.24
CA SER A 210 9.21 47.76 4.12
C SER A 210 8.69 48.40 5.42
N PHE A 211 8.16 47.57 6.30
CA PHE A 211 7.65 48.02 7.60
C PHE A 211 8.78 48.03 8.62
N THR A 212 8.91 49.15 9.34
CA THR A 212 9.66 49.12 10.61
C THR A 212 9.16 48.03 11.54
N ASP A 213 9.94 47.71 12.58
CA ASP A 213 9.48 46.74 13.58
C ASP A 213 8.20 47.21 14.27
N GLU A 214 8.08 48.51 14.53
CA GLU A 214 6.88 49.02 15.18
C GLU A 214 5.67 48.86 14.28
N GLN A 215 5.84 49.21 13.00
CA GLN A 215 4.77 49.06 12.03
C GLN A 215 4.41 47.60 11.80
N TRP A 216 5.38 46.69 11.87
CA TRP A 216 5.03 45.29 11.72
C TRP A 216 4.15 44.82 12.88
N ILE A 217 4.33 45.37 14.08
CA ILE A 217 3.46 44.98 15.17
C ILE A 217 2.06 45.51 14.93
N THR A 218 1.97 46.76 14.48
CA THR A 218 0.67 47.33 14.14
C THR A 218 0.00 46.54 13.03
N ILE A 219 0.75 46.18 11.99
CA ILE A 219 0.22 45.40 10.89
C ILE A 219 -0.27 44.04 11.38
N GLU A 220 0.60 43.32 12.08
CA GLU A 220 0.26 42.00 12.56
C GLU A 220 -1.02 42.02 13.38
N SER A 221 -1.14 43.00 14.29
N SER A 221 -1.13 42.97 14.32
CA SER A 221 -2.35 43.14 15.08
CA SER A 221 -2.36 43.15 15.08
C SER A 221 -3.57 43.37 14.20
C SER A 221 -3.55 43.31 14.15
N GLN A 222 -3.43 44.20 13.16
CA GLN A 222 -4.56 44.46 12.26
C GLN A 222 -4.96 43.20 11.51
N MET A 223 -4.00 42.34 11.19
CA MET A 223 -4.31 41.09 10.50
C MET A 223 -5.04 40.11 11.43
N ARG A 224 -4.60 40.03 12.69
N ARG A 224 -4.64 40.05 12.71
CA ARG A 224 -5.27 39.16 13.66
CA ARG A 224 -5.29 39.13 13.64
C ARG A 224 -6.73 39.55 13.84
C ARG A 224 -6.74 39.54 13.93
N ASP A 225 -6.97 40.85 14.08
CA ASP A 225 -8.35 41.34 14.16
CA ASP A 225 -8.35 41.35 14.15
C ASP A 225 -9.19 40.85 12.98
N LEU A 226 -8.69 41.04 11.75
CA LEU A 226 -9.42 40.64 10.55
C LEU A 226 -9.78 39.16 10.59
N ILE A 227 -8.83 38.33 11.00
CA ILE A 227 -9.01 36.88 10.95
C ILE A 227 -10.07 36.43 11.96
N LEU A 228 -10.11 37.08 13.13
CA LEU A 228 -11.22 36.91 14.06
C LEU A 228 -12.50 37.52 13.50
N THR A 229 -12.49 38.83 13.25
CA THR A 229 -13.61 39.52 12.63
C THR A 229 -14.30 38.62 11.61
N GLU A 230 -13.57 38.22 10.56
CA GLU A 230 -14.18 37.36 9.53
C GLU A 230 -14.64 36.03 10.10
N TYR A 231 -14.14 35.64 11.26
CA TYR A 231 -14.65 34.46 11.96
C TYR A 231 -15.99 34.74 12.62
N GLY A 232 -16.33 36.01 12.84
CA GLY A 232 -17.62 36.37 13.38
C GLY A 232 -18.65 36.65 12.30
N ARG A 233 -18.24 37.33 11.23
CA ARG A 233 -19.16 37.54 10.11
C ARG A 233 -19.55 36.22 9.47
N LYS A 234 -18.69 35.20 9.59
CA LYS A 234 -19.03 33.88 9.08
C LYS A 234 -19.94 33.14 10.06
N TYR A 235 -19.51 33.04 11.32
CA TYR A 235 -20.21 32.27 12.33
C TYR A 235 -21.18 33.10 13.16
N ASN A 236 -21.21 34.42 12.96
CA ASN A 236 -22.08 35.31 13.74
C ASN A 236 -21.77 35.16 15.23
N VAL A 237 -20.70 35.83 15.68
CA VAL A 237 -20.27 35.81 17.08
C VAL A 237 -19.88 37.22 17.50
N MET B 5 -5.12 -45.04 -4.42
CA MET B 5 -5.22 -44.43 -3.06
C MET B 5 -3.93 -44.69 -2.25
N ASN B 6 -3.53 -43.71 -1.43
CA ASN B 6 -2.33 -43.85 -0.60
C ASN B 6 -2.68 -43.60 0.86
N THR B 7 -1.71 -43.88 1.73
CA THR B 7 -1.92 -43.96 3.18
C THR B 7 -0.80 -43.26 3.93
N VAL B 8 -1.16 -42.57 5.00
CA VAL B 8 -0.21 -41.96 5.90
C VAL B 8 -0.47 -42.53 7.28
N PRO B 9 0.29 -43.53 7.70
CA PRO B 9 0.04 -44.15 9.01
C PRO B 9 0.66 -43.33 10.15
N PHE B 10 0.12 -43.55 11.33
CA PHE B 10 0.60 -42.93 12.57
C PHE B 10 1.12 -44.00 13.53
N THR B 11 2.32 -43.80 14.08
CA THR B 11 2.84 -44.71 15.10
C THR B 11 1.89 -44.80 16.28
N SER B 12 1.43 -43.66 16.77
CA SER B 12 0.51 -43.61 17.90
C SER B 12 -0.04 -42.20 17.97
N ALA B 13 -0.94 -41.98 18.93
CA ALA B 13 -1.44 -40.63 19.23
C ALA B 13 -1.37 -40.38 20.73
N PRO B 14 -0.19 -40.00 21.24
CA PRO B 14 -0.03 -39.90 22.70
C PRO B 14 -0.63 -38.67 23.35
N ILE B 15 -0.92 -37.61 22.62
CA ILE B 15 -1.56 -36.43 23.18
C ILE B 15 -2.80 -36.08 22.36
N GLU B 16 -3.81 -35.64 23.09
CA GLU B 16 -5.07 -35.24 22.48
C GLU B 16 -4.84 -34.09 21.50
N VAL B 17 -5.34 -34.27 20.28
CA VAL B 17 -5.04 -33.41 19.16
C VAL B 17 -6.19 -33.51 18.18
N THR B 18 -6.48 -32.37 17.54
CA THR B 18 -7.33 -32.31 16.36
C THR B 18 -6.46 -32.41 15.11
N ILE B 19 -6.73 -33.42 14.31
CA ILE B 19 -5.94 -33.73 13.13
C ILE B 19 -6.81 -33.31 11.96
N GLY B 20 -6.25 -32.54 11.05
CA GLY B 20 -6.88 -32.27 9.75
C GLY B 20 -6.13 -32.93 8.63
N ILE B 21 -6.84 -33.30 7.57
CA ILE B 21 -6.23 -33.69 6.31
C ILE B 21 -7.02 -32.92 5.26
N ASP B 22 -6.36 -32.02 4.55
CA ASP B 22 -6.99 -31.10 3.59
C ASP B 22 -8.09 -30.40 4.35
N GLN B 23 -9.30 -30.28 3.81
CA GLN B 23 -10.38 -29.55 4.47
C GLN B 23 -11.16 -30.39 5.49
N TYR B 24 -10.68 -31.58 5.85
CA TYR B 24 -11.34 -32.45 6.80
C TYR B 24 -10.58 -32.46 8.10
N SER B 25 -11.26 -32.83 9.18
CA SER B 25 -10.64 -32.81 10.51
C SER B 25 -11.41 -33.71 11.45
N PHE B 26 -10.68 -34.25 12.43
CA PHE B 26 -11.26 -35.15 13.42
C PHE B 26 -10.47 -35.05 14.70
N ASN B 27 -11.15 -35.35 15.81
CA ASN B 27 -10.59 -35.21 17.13
C ASN B 27 -10.08 -36.57 17.58
N VAL B 28 -8.83 -36.60 18.07
CA VAL B 28 -8.24 -37.83 18.60
C VAL B 28 -7.92 -37.64 20.08
N LYS B 29 -8.39 -38.57 20.92
CA LYS B 29 -8.22 -38.42 22.35
C LYS B 29 -6.86 -38.94 22.82
N GLU B 30 -6.45 -38.53 24.02
CA GLU B 30 -5.15 -38.96 24.52
C GLU B 30 -5.04 -40.48 24.54
N ASN B 31 -4.01 -41.06 23.90
CA ASN B 31 -3.80 -42.52 23.78
C ASN B 31 -5.04 -43.24 23.24
N GLN B 32 -5.84 -42.61 22.40
CA GLN B 32 -6.99 -43.32 21.78
C GLN B 32 -6.35 -44.21 20.71
N PRO B 33 -6.74 -45.48 20.53
CA PRO B 33 -6.09 -46.28 19.52
C PRO B 33 -6.37 -45.61 18.17
N PHE B 34 -5.37 -44.94 17.59
CA PHE B 34 -5.42 -44.25 16.27
C PHE B 34 -4.15 -44.62 15.50
N HIS B 35 -4.26 -45.11 14.27
CA HIS B 35 -3.07 -45.50 13.48
C HIS B 35 -3.11 -44.99 12.04
N GLY B 36 -3.72 -43.87 11.70
CA GLY B 36 -3.47 -43.41 10.32
C GLY B 36 -4.59 -42.81 9.53
N ILE B 37 -4.23 -42.39 8.31
CA ILE B 37 -5.19 -41.89 7.34
C ILE B 37 -5.00 -42.66 6.04
N LYS B 38 -6.07 -43.25 5.53
CA LYS B 38 -6.01 -44.09 4.34
C LYS B 38 -6.90 -43.50 3.25
N ASP B 39 -6.80 -44.05 2.04
CA ASP B 39 -7.65 -43.65 0.89
C ASP B 39 -7.40 -42.20 0.47
N ILE B 40 -6.14 -41.78 0.56
CA ILE B 40 -5.76 -40.41 0.21
C ILE B 40 -5.68 -40.31 -1.30
N PRO B 41 -6.45 -39.43 -1.92
CA PRO B 41 -6.47 -39.35 -3.38
C PRO B 41 -5.10 -39.02 -3.94
N ILE B 42 -4.68 -39.87 -4.81
CA ILE B 42 -3.40 -39.68 -5.47
C ILE B 42 -3.58 -38.67 -6.59
N GLY B 43 -2.53 -37.90 -6.81
CA GLY B 43 -2.50 -36.94 -7.89
C GLY B 43 -2.57 -35.50 -7.47
N HIS B 44 -2.65 -35.24 -6.16
CA HIS B 44 -2.75 -33.90 -5.64
C HIS B 44 -1.74 -33.78 -4.51
N VAL B 45 -1.38 -32.54 -4.20
N VAL B 45 -1.32 -32.54 -4.25
CA VAL B 45 -0.66 -32.24 -2.98
CA VAL B 45 -0.67 -32.28 -2.95
C VAL B 45 -1.64 -32.17 -1.81
C VAL B 45 -1.71 -32.46 -1.85
N HIS B 46 -1.21 -32.61 -0.63
CA HIS B 46 -2.06 -32.77 0.52
C HIS B 46 -1.40 -32.05 1.67
N VAL B 47 -2.19 -31.74 2.70
CA VAL B 47 -1.65 -31.13 3.94
C VAL B 47 -2.28 -31.84 5.11
N ILE B 48 -1.44 -32.28 6.06
N ILE B 48 -1.44 -32.41 6.00
CA ILE B 48 -1.92 -32.92 7.29
CA ILE B 48 -1.90 -32.91 7.28
C ILE B 48 -1.47 -32.08 8.47
C ILE B 48 -1.50 -31.85 8.31
N HIS B 49 -2.43 -31.58 9.24
CA HIS B 49 -2.20 -30.51 10.19
C HIS B 49 -2.81 -30.81 11.54
N PHE B 50 -2.36 -30.03 12.53
CA PHE B 50 -2.54 -30.44 13.91
C PHE B 50 -2.84 -29.23 14.78
N GLN B 51 -3.77 -29.38 15.70
CA GLN B 51 -4.00 -28.39 16.76
C GLN B 51 -4.15 -29.14 18.08
N HIS B 52 -3.19 -28.98 18.98
CA HIS B 52 -3.25 -29.72 20.23
C HIS B 52 -4.40 -29.23 21.10
N ALA B 53 -4.97 -30.16 21.87
CA ALA B 53 -6.11 -29.82 22.72
C ALA B 53 -5.73 -28.79 23.77
N ASP B 54 -4.48 -28.82 24.23
CA ASP B 54 -4.09 -28.13 25.45
C ASP B 54 -3.45 -26.79 25.17
N ASN B 55 -2.96 -26.57 23.97
CA ASN B 55 -2.38 -25.29 23.59
C ASN B 55 -2.74 -25.09 22.13
N SER B 56 -3.96 -24.64 21.89
CA SER B 56 -4.41 -24.29 20.55
C SER B 56 -3.48 -23.26 19.91
N SER B 57 -2.53 -22.72 20.67
CA SER B 57 -1.44 -21.98 20.05
C SER B 57 -0.68 -22.90 19.10
N MET B 58 -0.20 -22.34 18.00
N MET B 58 -0.24 -22.33 17.99
CA MET B 58 0.53 -23.11 17.01
CA MET B 58 0.50 -23.03 16.96
C MET B 58 -0.38 -24.18 16.38
C MET B 58 -0.33 -24.16 16.35
N ARG B 59 -1.09 -23.82 15.32
CA ARG B 59 -1.48 -24.81 14.33
C ARG B 59 -0.23 -25.03 13.48
N TYR B 60 0.03 -26.27 13.12
CA TYR B 60 1.19 -26.63 12.32
C TYR B 60 0.79 -27.84 11.48
N GLY B 61 1.62 -28.16 10.48
CA GLY B 61 1.28 -29.26 9.59
C GLY B 61 2.32 -29.41 8.50
N TYR B 62 2.05 -30.37 7.60
CA TYR B 62 3.02 -30.84 6.62
C TYR B 62 2.36 -30.91 5.25
N TRP B 63 2.98 -30.27 4.27
CA TRP B 63 2.60 -30.38 2.86
C TRP B 63 3.36 -31.56 2.25
N PHE B 64 2.66 -32.43 1.52
CA PHE B 64 3.30 -33.62 0.96
C PHE B 64 2.57 -34.08 -0.32
N ASP B 65 3.26 -34.95 -1.07
CA ASP B 65 2.71 -35.60 -2.27
C ASP B 65 3.06 -37.07 -2.16
N CYS B 66 2.03 -37.91 -2.03
CA CYS B 66 2.24 -39.34 -1.83
C CYS B 66 3.02 -39.99 -2.98
N ARG B 67 3.13 -39.32 -4.11
CA ARG B 67 3.92 -39.87 -5.21
C ARG B 67 5.41 -39.76 -4.95
N MET B 68 5.84 -38.87 -4.06
N MET B 68 5.84 -38.86 -4.08
CA MET B 68 7.25 -38.61 -3.83
CA MET B 68 7.24 -38.59 -3.84
C MET B 68 7.83 -39.45 -2.71
C MET B 68 7.83 -39.45 -2.72
N GLY B 69 7.08 -40.37 -2.15
CA GLY B 69 7.60 -41.25 -1.11
C GLY B 69 6.53 -41.73 -0.17
N ASN B 70 6.93 -42.65 0.70
CA ASN B 70 6.09 -43.12 1.80
C ASN B 70 6.34 -42.26 3.04
N PHE B 71 5.28 -41.64 3.55
CA PHE B 71 5.39 -40.76 4.70
C PHE B 71 4.51 -41.25 5.84
N TYR B 72 4.98 -41.06 7.07
CA TYR B 72 4.25 -41.40 8.27
C TYR B 72 4.41 -40.29 9.31
N ILE B 73 3.55 -40.31 10.33
CA ILE B 73 3.61 -39.37 11.46
C ILE B 73 3.96 -40.11 12.76
N GLN B 74 4.86 -39.51 13.57
CA GLN B 74 5.20 -40.04 14.89
C GLN B 74 5.34 -38.89 15.87
N TYR B 75 4.74 -39.01 17.05
CA TYR B 75 4.84 -37.94 18.04
C TYR B 75 6.22 -37.97 18.69
N ASP B 76 6.81 -36.78 18.88
CA ASP B 76 8.10 -36.57 19.54
C ASP B 76 7.85 -35.94 20.90
N PRO B 77 8.08 -36.65 21.98
CA PRO B 77 7.81 -36.07 23.32
C PRO B 77 8.87 -35.08 23.77
N LYS B 78 9.98 -34.94 23.04
CA LYS B 78 10.99 -33.96 23.42
C LYS B 78 10.62 -32.60 22.84
N ASP B 79 10.41 -32.56 21.51
CA ASP B 79 10.03 -31.34 20.80
C ASP B 79 8.53 -31.09 20.84
N GLY B 80 7.76 -32.06 21.26
CA GLY B 80 6.39 -31.80 21.64
C GLY B 80 5.46 -31.68 20.47
N LEU B 81 5.78 -32.33 19.37
CA LEU B 81 4.83 -32.26 18.26
C LEU B 81 4.80 -33.53 17.44
N TYR B 82 3.76 -33.61 16.64
CA TYR B 82 3.62 -34.68 15.65
C TYR B 82 4.51 -34.35 14.45
N LYS B 83 5.49 -35.21 14.17
CA LYS B 83 6.44 -34.95 13.09
C LYS B 83 6.15 -35.88 11.90
N MET B 84 6.31 -35.35 10.72
CA MET B 84 6.24 -36.20 9.53
C MET B 84 7.64 -36.76 9.30
N MET B 85 7.70 -38.00 8.84
CA MET B 85 8.96 -38.64 8.47
C MET B 85 8.77 -39.48 7.23
N GLU B 86 9.88 -39.77 6.53
CA GLU B 86 9.86 -40.66 5.38
C GLU B 86 10.41 -42.03 5.79
N GLU B 87 9.70 -43.08 5.39
CA GLU B 87 10.19 -44.44 5.53
C GLU B 87 10.78 -44.86 4.18
N ARG B 88 12.05 -45.26 4.18
CA ARG B 88 12.70 -45.68 2.93
C ARG B 88 12.50 -47.16 2.66
N ASP B 89 12.31 -47.97 3.70
CA ASP B 89 12.14 -49.42 3.59
C ASP B 89 10.73 -49.72 3.11
N GLY B 90 10.59 -49.89 1.80
CA GLY B 90 9.27 -49.98 1.19
C GLY B 90 8.42 -51.11 1.77
N ALA B 91 9.03 -52.26 2.01
CA ALA B 91 8.26 -53.41 2.48
C ALA B 91 7.87 -53.25 3.95
N LYS B 92 8.78 -52.70 4.75
CA LYS B 92 8.43 -52.32 6.11
C LYS B 92 7.15 -51.51 6.13
N PHE B 93 7.03 -50.54 5.22
CA PHE B 93 5.92 -49.61 5.22
C PHE B 93 4.62 -50.33 4.84
N GLU B 94 4.59 -50.93 3.66
CA GLU B 94 3.40 -51.67 3.24
C GLU B 94 2.94 -52.64 4.32
N ASN B 95 3.91 -53.24 5.03
CA ASN B 95 3.56 -54.15 6.11
C ASN B 95 2.90 -53.41 7.26
N ILE B 96 3.55 -52.34 7.73
CA ILE B 96 2.95 -51.50 8.75
C ILE B 96 1.52 -51.14 8.35
N VAL B 97 1.36 -50.65 7.12
CA VAL B 97 0.06 -50.15 6.73
C VAL B 97 -0.95 -51.30 6.72
N HIS B 98 -0.63 -52.38 6.02
CA HIS B 98 -1.59 -53.46 5.89
C HIS B 98 -2.04 -53.98 7.26
N ASN B 99 -1.13 -54.10 8.21
CA ASN B 99 -1.53 -54.52 9.55
C ASN B 99 -2.49 -53.53 10.19
N PHE B 100 -2.24 -52.22 10.03
CA PHE B 100 -3.11 -51.22 10.65
C PHE B 100 -4.49 -51.22 9.98
N LYS B 101 -4.52 -51.36 8.65
CA LYS B 101 -5.79 -51.52 7.94
C LYS B 101 -6.53 -52.75 8.42
N GLU B 102 -5.82 -53.87 8.60
CA GLU B 102 -6.48 -55.09 9.06
C GLU B 102 -7.16 -54.85 10.40
N ARG B 103 -6.58 -54.00 11.27
CA ARG B 103 -7.13 -53.68 12.62
C ARG B 103 -8.18 -52.53 12.63
N GLN B 104 -8.49 -51.92 11.49
CA GLN B 104 -9.50 -50.84 11.29
C GLN B 104 -9.24 -49.67 12.24
N MET B 105 -7.99 -49.24 12.30
CA MET B 105 -7.53 -48.16 13.17
C MET B 105 -7.06 -46.98 12.32
N MET B 106 -7.66 -46.75 11.16
CA MET B 106 -7.29 -45.60 10.31
C MET B 106 -8.56 -44.88 9.91
N VAL B 107 -8.50 -43.57 9.74
CA VAL B 107 -9.69 -42.82 9.28
C VAL B 107 -9.57 -42.78 7.75
N SER B 108 -10.68 -42.95 7.05
CA SER B 108 -10.70 -43.01 5.58
C SER B 108 -10.75 -41.57 5.06
N TYR B 109 -9.81 -41.14 4.21
CA TYR B 109 -9.91 -39.79 3.64
C TYR B 109 -11.29 -39.68 3.03
N PRO B 110 -12.15 -38.84 3.55
CA PRO B 110 -13.57 -39.03 3.31
C PRO B 110 -14.11 -38.22 2.16
N LYS B 111 -13.69 -38.56 0.95
CA LYS B 111 -14.01 -37.77 -0.23
C LYS B 111 -15.36 -38.20 -0.80
N ILE B 112 -16.27 -37.23 -0.92
CA ILE B 112 -17.47 -37.36 -1.73
C ILE B 112 -17.09 -37.39 -3.20
N ASP B 113 -17.68 -38.32 -3.95
CA ASP B 113 -17.31 -38.45 -5.36
C ASP B 113 -17.69 -37.20 -6.16
N GLU B 114 -18.84 -36.59 -5.84
CA GLU B 114 -19.27 -35.36 -6.52
C GLU B 114 -18.26 -34.22 -6.35
N ASP B 115 -17.49 -34.24 -5.26
CA ASP B 115 -16.80 -33.08 -4.73
C ASP B 115 -15.44 -32.89 -5.40
N ASP B 116 -15.23 -31.71 -6.00
CA ASP B 116 -13.94 -31.35 -6.57
C ASP B 116 -13.22 -30.26 -5.75
N THR B 117 -13.71 -29.97 -4.56
CA THR B 117 -13.16 -28.83 -3.80
C THR B 117 -11.65 -28.88 -3.73
N TRP B 118 -11.09 -30.01 -3.32
CA TRP B 118 -9.65 -30.02 -3.07
C TRP B 118 -8.89 -29.77 -4.36
N TYR B 119 -9.28 -30.49 -5.43
CA TYR B 119 -8.66 -30.23 -6.73
C TYR B 119 -8.71 -28.74 -7.05
N ASN B 120 -9.86 -28.10 -6.82
CA ASN B 120 -10.00 -26.72 -7.27
C ASN B 120 -9.12 -25.78 -6.46
N LEU B 121 -8.89 -26.12 -5.21
CA LEU B 121 -8.08 -25.30 -4.32
C LEU B 121 -6.59 -25.49 -4.57
N THR B 122 -6.21 -26.62 -5.14
CA THR B 122 -4.80 -26.98 -5.32
C THR B 122 -4.47 -27.16 -6.80
N GLU B 123 -5.38 -26.75 -7.69
CA GLU B 123 -5.23 -26.96 -9.13
C GLU B 123 -3.82 -26.71 -9.65
N PHE B 124 -3.18 -25.59 -9.24
CA PHE B 124 -1.88 -25.21 -9.75
C PHE B 124 -0.76 -25.38 -8.75
N VAL B 125 -1.02 -26.02 -7.61
CA VAL B 125 -0.03 -26.14 -6.54
C VAL B 125 0.75 -27.42 -6.78
N GLN B 126 2.07 -27.28 -6.84
N GLN B 126 2.06 -27.27 -6.92
CA GLN B 126 2.97 -28.40 -7.11
CA GLN B 126 2.99 -28.36 -7.11
C GLN B 126 4.00 -28.49 -5.99
C GLN B 126 3.90 -28.47 -5.89
N MET B 127 4.27 -29.71 -5.53
CA MET B 127 5.24 -29.86 -4.45
C MET B 127 6.55 -29.16 -4.78
N ASP B 128 6.95 -29.17 -6.06
CA ASP B 128 8.25 -28.59 -6.39
C ASP B 128 8.27 -27.10 -6.04
N LYS B 129 7.17 -26.39 -6.29
CA LYS B 129 7.16 -24.96 -5.97
C LYS B 129 7.04 -24.72 -4.48
N ILE B 130 6.24 -25.54 -3.77
CA ILE B 130 6.14 -25.43 -2.32
C ILE B 130 7.52 -25.54 -1.68
N ARG B 131 8.35 -26.45 -2.19
CA ARG B 131 9.64 -26.73 -1.53
C ARG B 131 10.61 -25.57 -1.73
N LYS B 132 10.36 -24.73 -2.74
CA LYS B 132 11.15 -23.53 -2.95
C LYS B 132 10.68 -22.41 -2.04
N ILE B 133 9.38 -22.34 -1.78
CA ILE B 133 8.88 -21.41 -0.80
C ILE B 133 9.27 -21.85 0.61
N VAL B 134 9.22 -23.16 0.91
CA VAL B 134 9.59 -23.66 2.25
C VAL B 134 10.89 -24.45 2.12
N ARG B 135 12.00 -23.82 2.49
CA ARG B 135 13.32 -24.36 2.20
C ARG B 135 13.75 -25.31 3.30
N LYS B 136 13.84 -26.59 2.96
CA LYS B 136 14.34 -27.63 3.87
C LYS B 136 14.60 -28.88 3.05
N ASP B 137 15.64 -28.83 2.22
CA ASP B 137 15.77 -29.77 1.10
C ASP B 137 16.04 -31.20 1.54
N GLU B 138 16.34 -31.44 2.82
CA GLU B 138 16.55 -32.81 3.26
C GLU B 138 15.25 -33.60 3.38
N ASN B 139 14.10 -32.96 3.24
CA ASN B 139 12.83 -33.63 3.38
C ASN B 139 12.01 -33.41 2.11
N GLN B 140 11.28 -34.44 1.70
CA GLN B 140 10.39 -34.33 0.55
C GLN B 140 9.08 -33.62 0.88
N PHE B 141 8.82 -33.37 2.17
CA PHE B 141 7.59 -32.74 2.63
C PHE B 141 7.96 -31.40 3.29
N SER B 142 6.96 -30.52 3.47
CA SER B 142 7.21 -29.14 3.92
C SER B 142 6.43 -28.78 5.17
N TYR B 143 7.14 -28.33 6.21
CA TYR B 143 6.51 -27.91 7.46
C TYR B 143 6.08 -26.45 7.40
N VAL B 144 4.87 -26.16 7.86
CA VAL B 144 4.41 -24.80 7.97
C VAL B 144 3.65 -24.67 9.29
N ASP B 145 3.74 -23.47 9.93
CA ASP B 145 2.91 -23.20 11.10
C ASP B 145 2.43 -21.76 11.21
N SER B 146 1.59 -21.54 12.22
CA SER B 146 0.94 -20.25 12.46
C SER B 146 1.94 -19.09 12.51
N SER B 147 3.12 -19.31 13.11
CA SER B 147 4.03 -18.23 13.49
C SER B 147 5.04 -17.89 12.43
N MET B 148 5.24 -18.72 11.40
CA MET B 148 6.34 -18.45 10.48
C MET B 148 6.11 -17.13 9.75
N THR B 149 7.19 -16.38 9.57
CA THR B 149 7.18 -15.10 8.90
C THR B 149 7.73 -15.26 7.50
N THR B 150 7.36 -14.32 6.63
CA THR B 150 7.73 -14.32 5.22
C THR B 150 9.02 -13.51 5.01
N VAL B 151 9.68 -13.79 3.87
CA VAL B 151 10.89 -13.06 3.50
C VAL B 151 10.62 -11.56 3.53
N GLN B 152 9.46 -11.14 3.05
CA GLN B 152 9.16 -9.71 3.03
C GLN B 152 8.92 -9.19 4.44
N GLU B 153 8.15 -9.92 5.24
CA GLU B 153 7.98 -9.52 6.64
C GLU B 153 9.32 -9.37 7.33
N ASN B 154 10.26 -10.28 7.06
CA ASN B 154 11.59 -10.19 7.68
C ASN B 154 12.29 -8.89 7.28
N GLU B 155 12.09 -8.43 6.04
CA GLU B 155 12.78 -7.22 5.58
C GLU B 155 12.39 -5.99 6.39
N LEU B 156 11.15 -5.94 6.88
CA LEU B 156 10.63 -4.72 7.50
C LEU B 156 10.67 -4.78 9.04
N SER B 161 12.74 -13.52 12.06
CA SER B 161 14.08 -13.09 11.65
C SER B 161 14.91 -14.27 11.20
N ASP B 162 14.53 -15.48 11.62
CA ASP B 162 15.24 -16.72 11.34
C ASP B 162 14.95 -17.19 9.92
N PRO B 163 15.91 -17.07 8.99
CA PRO B 163 15.57 -17.28 7.56
C PRO B 163 15.31 -18.73 7.19
N ALA B 164 16.01 -19.69 7.83
CA ALA B 164 15.76 -21.10 7.55
C ALA B 164 14.31 -21.46 7.82
N HIS B 165 13.62 -20.67 8.65
CA HIS B 165 12.23 -20.88 9.04
C HIS B 165 11.29 -19.88 8.38
N SER B 166 11.68 -19.29 7.25
CA SER B 166 10.92 -18.27 6.55
C SER B 166 10.09 -18.87 5.41
N LEU B 167 9.00 -18.17 5.07
CA LEU B 167 8.25 -18.45 3.84
C LEU B 167 8.71 -17.52 2.73
N ASN B 168 9.45 -18.06 1.77
N ASN B 168 9.39 -18.10 1.74
CA ASN B 168 10.09 -17.29 0.70
CA ASN B 168 10.06 -17.41 0.65
C ASN B 168 9.14 -17.08 -0.49
C ASN B 168 9.09 -17.12 -0.51
N TYR B 169 8.01 -16.42 -0.19
CA TYR B 169 7.06 -16.04 -1.21
C TYR B 169 7.67 -14.95 -2.08
N THR B 170 7.13 -14.79 -3.29
CA THR B 170 7.65 -13.77 -4.19
C THR B 170 7.29 -12.38 -3.65
N VAL B 171 8.29 -11.50 -3.52
CA VAL B 171 8.01 -10.20 -2.93
C VAL B 171 7.26 -9.32 -3.91
N ILE B 172 6.13 -8.79 -3.46
CA ILE B 172 5.34 -7.84 -4.22
C ILE B 172 5.25 -6.53 -3.44
N ASN B 173 5.57 -5.42 -4.10
CA ASN B 173 5.52 -4.12 -3.43
C ASN B 173 5.22 -3.07 -4.49
N PHE B 174 4.06 -2.42 -4.36
CA PHE B 174 3.50 -1.58 -5.39
C PHE B 174 4.22 -0.23 -5.48
N LYS B 175 4.89 0.16 -4.41
CA LYS B 175 5.71 1.38 -4.42
C LYS B 175 7.18 0.98 -4.33
N SER B 176 7.65 0.35 -5.42
CA SER B 176 9.02 -0.13 -5.52
C SER B 176 9.53 0.14 -6.94
N ARG B 177 10.86 0.15 -7.08
CA ARG B 177 11.42 0.34 -8.41
C ARG B 177 11.12 -0.84 -9.32
N GLU B 178 11.14 -2.07 -8.77
CA GLU B 178 10.72 -3.21 -9.57
C GLU B 178 9.35 -3.00 -10.16
N ALA B 179 8.47 -2.30 -9.44
CA ALA B 179 7.10 -2.13 -9.90
C ALA B 179 6.87 -0.91 -10.76
N ILE B 180 7.77 0.09 -10.70
CA ILE B 180 7.56 1.38 -11.31
C ILE B 180 8.71 1.65 -12.27
N ARG B 181 8.38 1.79 -13.57
CA ARG B 181 9.38 2.12 -14.59
C ARG B 181 9.78 3.60 -14.46
N PRO B 182 11.04 3.90 -14.46
CA PRO B 182 11.47 5.32 -14.49
C PRO B 182 10.75 6.06 -15.60
N GLY B 183 10.05 7.13 -15.27
CA GLY B 183 9.32 7.86 -16.28
C GLY B 183 7.95 7.36 -16.61
N HIS B 184 7.51 6.21 -16.09
CA HIS B 184 6.11 5.82 -16.19
C HIS B 184 5.44 5.86 -14.82
N GLU B 185 5.94 6.72 -13.92
CA GLU B 185 5.55 6.67 -12.53
C GLU B 185 4.04 6.57 -12.36
N MET B 186 3.32 7.58 -12.86
CA MET B 186 1.88 7.57 -12.72
C MET B 186 1.25 6.42 -13.50
N GLU B 187 1.72 6.20 -14.72
CA GLU B 187 1.09 5.13 -15.52
C GLU B 187 1.14 3.81 -14.79
N ASP B 188 2.34 3.43 -14.32
CA ASP B 188 2.53 2.11 -13.72
C ASP B 188 1.88 1.99 -12.35
N PHE B 189 1.66 3.11 -11.65
CA PHE B 189 1.09 3.03 -10.32
C PHE B 189 -0.41 2.86 -10.40
N LEU B 190 -1.04 3.52 -11.37
CA LEU B 190 -2.49 3.44 -11.52
C LEU B 190 -2.93 2.25 -12.36
N ASP B 191 -2.00 1.63 -13.11
CA ASP B 191 -2.31 0.46 -13.96
C ASP B 191 -1.11 -0.49 -13.82
N LYS B 192 -1.27 -1.57 -13.07
CA LYS B 192 -0.10 -2.36 -12.74
C LYS B 192 0.28 -3.39 -13.81
N SER B 193 -0.21 -3.23 -15.06
CA SER B 193 -0.07 -4.30 -16.05
C SER B 193 1.41 -4.61 -16.33
N TYR B 194 2.28 -3.61 -16.34
N TYR B 194 2.26 -3.58 -16.37
N TYR B 194 2.27 -3.60 -16.37
CA TYR B 194 3.67 -3.92 -16.66
CA TYR B 194 3.68 -3.80 -16.60
CA TYR B 194 3.68 -3.87 -16.63
C TYR B 194 4.33 -4.72 -15.55
C TYR B 194 4.26 -4.74 -15.56
C TYR B 194 4.28 -4.75 -15.56
N TYR B 195 3.99 -4.44 -14.29
CA TYR B 195 4.51 -5.24 -13.19
C TYR B 195 3.95 -6.66 -13.24
N LEU B 196 2.64 -6.79 -13.53
CA LEU B 196 2.03 -8.13 -13.62
C LEU B 196 2.64 -8.94 -14.76
N ASN B 197 2.55 -8.39 -15.99
CA ASN B 197 2.76 -9.18 -17.19
C ASN B 197 4.24 -9.31 -17.55
N THR B 198 4.99 -8.21 -17.51
CA THR B 198 6.41 -8.28 -17.84
C THR B 198 7.27 -8.68 -16.64
N VAL B 199 7.13 -7.99 -15.50
CA VAL B 199 8.02 -8.26 -14.38
C VAL B 199 7.76 -9.64 -13.80
N MET B 200 6.52 -9.89 -13.42
CA MET B 200 6.18 -11.08 -12.63
C MET B 200 5.90 -12.29 -13.51
N LEU B 201 4.93 -12.17 -14.41
CA LEU B 201 4.51 -13.32 -15.22
C LEU B 201 5.63 -13.73 -16.18
N GLN B 202 6.07 -12.81 -17.04
N GLN B 202 6.07 -12.82 -17.05
CA GLN B 202 7.13 -13.14 -17.98
CA GLN B 202 7.14 -13.18 -17.99
C GLN B 202 8.47 -13.34 -17.27
C GLN B 202 8.48 -13.35 -17.27
N GLY B 203 8.82 -12.42 -16.37
CA GLY B 203 10.12 -12.44 -15.74
C GLY B 203 10.35 -13.45 -14.63
N ILE B 204 9.45 -13.52 -13.65
CA ILE B 204 9.71 -14.23 -12.40
C ILE B 204 8.98 -15.55 -12.37
N PHE B 205 7.68 -15.55 -12.61
CA PHE B 205 6.86 -16.76 -12.52
C PHE B 205 6.92 -17.61 -13.79
N LYS B 206 7.22 -16.98 -14.94
CA LYS B 206 7.37 -17.63 -16.24
C LYS B 206 6.03 -17.89 -16.91
N ASN B 207 5.03 -18.36 -16.16
CA ASN B 207 3.69 -18.55 -16.70
C ASN B 207 2.66 -18.28 -15.60
N SER B 208 1.40 -18.14 -16.01
CA SER B 208 0.32 -17.89 -15.05
C SER B 208 0.11 -19.09 -14.13
N SER B 209 0.37 -20.30 -14.63
CA SER B 209 0.19 -21.46 -13.73
C SER B 209 1.03 -21.34 -12.45
N ASN B 210 2.32 -20.99 -12.56
CA ASN B 210 3.15 -20.87 -11.37
C ASN B 210 2.71 -19.72 -10.47
N TYR B 211 2.24 -18.61 -11.08
CA TYR B 211 1.62 -17.52 -10.33
C TYR B 211 0.43 -18.02 -9.51
N PHE B 212 -0.51 -18.69 -10.18
CA PHE B 212 -1.69 -19.15 -9.46
C PHE B 212 -1.33 -20.16 -8.39
N GLY B 213 -0.32 -21.00 -8.63
CA GLY B 213 0.06 -21.97 -7.62
C GLY B 213 0.52 -21.28 -6.35
N GLU B 214 1.31 -20.22 -6.49
CA GLU B 214 1.76 -19.52 -5.29
C GLU B 214 0.58 -18.83 -4.60
N LEU B 215 -0.29 -18.18 -5.37
CA LEU B 215 -1.50 -17.59 -4.80
C LEU B 215 -2.32 -18.60 -4.00
N GLN B 216 -2.51 -19.81 -4.56
CA GLN B 216 -3.36 -20.80 -3.93
C GLN B 216 -2.72 -21.31 -2.65
N PHE B 217 -1.40 -21.53 -2.68
CA PHE B 217 -0.64 -21.98 -1.52
C PHE B 217 -0.67 -20.96 -0.39
N ALA B 218 -0.53 -19.68 -0.74
CA ALA B 218 -0.64 -18.63 0.26
C ALA B 218 -2.01 -18.65 0.92
N PHE B 219 -3.08 -18.77 0.14
CA PHE B 219 -4.40 -18.83 0.75
C PHE B 219 -4.52 -20.01 1.70
N LEU B 220 -4.03 -21.17 1.26
CA LEU B 220 -4.20 -22.38 2.07
C LEU B 220 -3.43 -22.28 3.38
N ASN B 221 -2.24 -21.67 3.38
CA ASN B 221 -1.49 -21.49 4.61
CA ASN B 221 -1.48 -21.47 4.61
C ASN B 221 -2.18 -20.49 5.53
N ALA B 222 -2.79 -19.44 4.95
CA ALA B 222 -3.62 -18.53 5.72
C ALA B 222 -4.80 -19.26 6.35
N MET B 223 -5.54 -20.04 5.53
CA MET B 223 -6.70 -20.73 6.04
C MET B 223 -6.34 -21.77 7.10
N PHE B 224 -5.38 -22.64 6.83
CA PHE B 224 -5.19 -23.76 7.72
C PHE B 224 -4.36 -23.44 8.94
N PHE B 225 -3.43 -22.48 8.86
CA PHE B 225 -2.55 -22.15 9.98
C PHE B 225 -2.75 -20.74 10.51
N GLY B 226 -3.71 -19.99 10.01
CA GLY B 226 -3.80 -18.60 10.38
C GLY B 226 -2.51 -17.83 10.20
N ASN B 227 -1.73 -18.17 9.16
CA ASN B 227 -0.47 -17.47 8.88
C ASN B 227 -0.74 -16.09 8.28
N TYR B 228 -0.42 -15.06 9.08
CA TYR B 228 -0.69 -13.68 8.67
C TYR B 228 0.07 -13.28 7.43
N GLY B 229 1.36 -13.62 7.33
CA GLY B 229 2.12 -13.28 6.14
C GLY B 229 1.58 -13.90 4.86
N SER B 230 1.11 -15.15 4.98
CA SER B 230 0.45 -15.81 3.87
C SER B 230 -0.81 -15.08 3.45
N SER B 231 -1.62 -14.63 4.41
CA SER B 231 -2.81 -13.87 4.02
C SER B 231 -2.43 -12.60 3.28
N LEU B 232 -1.45 -11.86 3.81
CA LEU B 232 -0.93 -10.68 3.10
C LEU B 232 -0.51 -11.02 1.66
N GLN B 233 0.17 -12.17 1.48
CA GLN B 233 0.67 -12.52 0.15
C GLN B 233 -0.47 -12.86 -0.78
N TRP B 234 -1.42 -13.70 -0.32
CA TRP B 234 -2.62 -13.99 -1.10
C TRP B 234 -3.27 -12.70 -1.60
N HIS B 235 -3.58 -11.80 -0.67
CA HIS B 235 -4.24 -10.54 -1.04
C HIS B 235 -3.40 -9.71 -2.02
N ALA B 236 -2.09 -9.71 -1.86
CA ALA B 236 -1.25 -8.91 -2.76
C ALA B 236 -1.31 -9.45 -4.18
N MET B 237 -1.30 -10.79 -4.31
CA MET B 237 -1.32 -11.42 -5.63
C MET B 237 -2.65 -11.21 -6.32
N ILE B 238 -3.71 -11.06 -5.53
CA ILE B 238 -5.01 -10.75 -6.08
C ILE B 238 -5.05 -9.30 -6.52
N GLU B 239 -4.59 -8.42 -5.66
CA GLU B 239 -4.67 -7.00 -5.94
C GLU B 239 -3.87 -6.65 -7.18
N LEU B 240 -2.70 -7.28 -7.37
CA LEU B 240 -1.91 -7.01 -8.58
C LEU B 240 -2.66 -7.38 -9.86
N ILE B 241 -3.43 -8.49 -9.85
CA ILE B 241 -4.21 -8.81 -11.03
C ILE B 241 -5.37 -7.81 -11.20
N CYS B 242 -6.09 -7.51 -10.12
CA CYS B 242 -7.28 -6.68 -10.27
C CYS B 242 -6.90 -5.24 -10.62
N SER B 243 -5.72 -4.80 -10.20
CA SER B 243 -5.25 -3.46 -10.51
C SER B 243 -4.50 -3.33 -11.84
N SER B 244 -4.57 -4.35 -12.70
CA SER B 244 -3.91 -4.31 -14.01
C SER B 244 -5.00 -4.18 -15.08
N ALA B 245 -4.88 -3.14 -15.93
CA ALA B 245 -5.85 -2.96 -17.01
C ALA B 245 -5.79 -4.07 -18.03
N THR B 246 -4.63 -4.71 -18.19
CA THR B 246 -4.41 -5.69 -19.26
C THR B 246 -4.04 -7.03 -18.65
N VAL B 247 -5.01 -7.96 -18.66
CA VAL B 247 -4.78 -9.31 -18.14
C VAL B 247 -5.26 -10.29 -19.20
N PRO B 248 -4.42 -11.27 -19.58
CA PRO B 248 -4.90 -12.35 -20.44
C PRO B 248 -6.30 -12.85 -20.09
N LYS B 249 -7.13 -13.08 -21.10
CA LYS B 249 -8.51 -13.48 -20.85
C LYS B 249 -8.59 -14.79 -20.09
N HIS B 250 -7.63 -15.68 -20.30
CA HIS B 250 -7.67 -16.99 -19.67
C HIS B 250 -7.32 -16.89 -18.21
N MET B 251 -6.43 -15.95 -17.85
CA MET B 251 -6.13 -15.74 -16.44
C MET B 251 -7.33 -15.18 -15.71
N LEU B 252 -8.05 -14.24 -16.32
CA LEU B 252 -9.19 -13.62 -15.65
C LEU B 252 -10.26 -14.63 -15.35
N ASP B 253 -10.61 -15.45 -16.34
CA ASP B 253 -11.61 -16.49 -16.11
C ASP B 253 -11.16 -17.48 -15.04
N LYS B 254 -9.89 -17.89 -15.08
CA LYS B 254 -9.43 -18.88 -14.11
C LYS B 254 -9.36 -18.26 -12.72
N LEU B 255 -8.90 -17.01 -12.62
CA LEU B 255 -8.87 -16.36 -11.31
C LEU B 255 -10.25 -16.37 -10.66
N ASP B 256 -11.30 -16.09 -11.45
CA ASP B 256 -12.64 -16.11 -10.88
C ASP B 256 -12.96 -17.48 -10.27
N GLU B 257 -12.58 -18.56 -10.95
CA GLU B 257 -12.80 -19.90 -10.42
C GLU B 257 -11.98 -20.11 -9.15
N ILE B 258 -10.73 -19.64 -9.17
CA ILE B 258 -9.85 -19.85 -8.03
C ILE B 258 -10.43 -19.22 -6.78
N LEU B 259 -10.73 -17.93 -6.86
CA LEU B 259 -11.21 -17.20 -5.72
C LEU B 259 -12.57 -17.71 -5.27
N TYR B 260 -13.41 -18.14 -6.20
CA TYR B 260 -14.71 -18.70 -5.86
C TYR B 260 -14.56 -19.84 -4.87
N TYR B 261 -13.71 -20.81 -5.21
CA TYR B 261 -13.56 -21.97 -4.34
C TYR B 261 -12.80 -21.62 -3.04
N GLN B 262 -12.04 -20.53 -3.01
CA GLN B 262 -11.38 -20.14 -1.77
C GLN B 262 -12.37 -19.51 -0.80
N ILE B 263 -13.16 -18.56 -1.30
CA ILE B 263 -14.22 -17.98 -0.48
C ILE B 263 -15.23 -19.06 -0.13
N LYS B 264 -15.48 -20.01 -1.03
CA LYS B 264 -16.45 -21.04 -0.70
C LYS B 264 -15.97 -21.89 0.47
N THR B 265 -14.67 -22.18 0.53
CA THR B 265 -14.14 -23.10 1.51
C THR B 265 -13.83 -22.45 2.84
N LEU B 266 -13.79 -21.11 2.88
CA LEU B 266 -13.41 -20.34 4.06
C LEU B 266 -14.44 -20.46 5.17
N PRO B 267 -14.02 -20.58 6.42
CA PRO B 267 -14.97 -20.61 7.54
C PRO B 267 -15.72 -19.31 7.70
N GLU B 268 -17.04 -19.41 7.91
CA GLU B 268 -17.88 -18.21 7.98
C GLU B 268 -17.45 -17.28 9.11
N GLN B 269 -16.86 -17.82 10.17
CA GLN B 269 -16.52 -17.02 11.34
C GLN B 269 -15.04 -16.62 11.36
N TYR B 270 -14.33 -16.80 10.24
CA TYR B 270 -12.98 -16.29 10.09
C TYR B 270 -12.88 -15.14 9.12
N SER B 271 -13.97 -14.84 8.39
CA SER B 271 -13.95 -13.75 7.42
C SER B 271 -13.59 -12.42 8.05
N ASP B 272 -13.61 -12.30 9.37
CA ASP B 272 -13.19 -11.07 10.02
C ASP B 272 -11.69 -10.85 9.89
N ILE B 273 -10.89 -11.92 10.04
CA ILE B 273 -9.44 -11.78 10.15
C ILE B 273 -8.73 -12.14 8.84
N LEU B 274 -9.28 -13.09 8.09
CA LEU B 274 -8.61 -13.61 6.89
C LEU B 274 -8.95 -12.84 5.63
N LEU B 275 -9.82 -11.83 5.69
CA LEU B 275 -10.24 -11.11 4.49
C LEU B 275 -9.94 -9.63 4.71
N ASN B 276 -9.30 -9.02 3.70
CA ASN B 276 -8.91 -7.62 3.76
C ASN B 276 -9.93 -6.78 3.00
N GLU B 277 -10.73 -6.03 3.74
CA GLU B 277 -11.74 -5.13 3.20
C GLU B 277 -11.27 -4.38 1.97
N ARG B 278 -10.18 -3.63 2.14
CA ARG B 278 -9.75 -2.73 1.08
C ARG B 278 -9.50 -3.48 -0.20
N VAL B 279 -8.78 -4.59 -0.11
CA VAL B 279 -8.45 -5.35 -1.30
C VAL B 279 -9.73 -5.81 -1.99
N TRP B 280 -10.68 -6.35 -1.23
CA TRP B 280 -11.85 -6.97 -1.85
C TRP B 280 -12.77 -5.92 -2.45
N ASN B 281 -13.04 -4.83 -1.72
CA ASN B 281 -13.89 -3.77 -2.27
C ASN B 281 -13.29 -3.19 -3.55
N ILE B 282 -12.00 -2.85 -3.50
CA ILE B 282 -11.31 -2.40 -4.70
C ILE B 282 -11.39 -3.44 -5.80
N CYS B 283 -11.07 -4.70 -5.47
CA CYS B 283 -10.96 -5.73 -6.50
C CYS B 283 -12.30 -5.99 -7.17
N LEU B 284 -13.40 -5.96 -6.42
CA LEU B 284 -14.69 -6.32 -6.97
C LEU B 284 -15.49 -5.14 -7.51
N TYR B 285 -15.17 -3.91 -7.06
CA TYR B 285 -16.06 -2.79 -7.35
C TYR B 285 -15.38 -1.60 -8.00
N SER B 286 -14.09 -1.37 -7.73
CA SER B 286 -13.41 -0.17 -8.22
C SER B 286 -12.35 -0.45 -9.28
N SER B 287 -11.79 -1.65 -9.31
CA SER B 287 -10.61 -1.91 -10.11
C SER B 287 -10.97 -2.19 -11.57
N PHE B 288 -9.92 -2.37 -12.38
CA PHE B 288 -10.08 -2.65 -13.80
C PHE B 288 -10.94 -3.88 -14.02
N GLN B 289 -10.82 -4.86 -13.14
CA GLN B 289 -11.49 -6.14 -13.29
C GLN B 289 -12.74 -6.25 -12.42
N LYS B 290 -13.31 -5.10 -12.01
CA LYS B 290 -14.51 -5.09 -11.18
C LYS B 290 -15.61 -5.97 -11.77
N ASN B 291 -15.69 -6.06 -13.09
CA ASN B 291 -16.76 -6.76 -13.78
C ASN B 291 -16.34 -8.11 -14.34
N SER B 292 -15.10 -8.53 -14.11
CA SER B 292 -14.59 -9.79 -14.65
C SER B 292 -14.59 -10.94 -13.65
N LEU B 293 -15.17 -10.77 -12.47
CA LEU B 293 -15.15 -11.79 -11.41
C LEU B 293 -16.57 -12.08 -10.94
N HIS B 294 -17.40 -12.59 -11.86
CA HIS B 294 -18.81 -12.76 -11.57
C HIS B 294 -19.04 -13.81 -10.50
N ASN B 295 -18.42 -14.98 -10.65
CA ASN B 295 -18.66 -16.04 -9.68
C ASN B 295 -18.14 -15.63 -8.31
N THR B 296 -16.94 -15.02 -8.25
CA THR B 296 -16.38 -14.62 -6.95
C THR B 296 -17.20 -13.50 -6.33
N GLU B 297 -17.52 -12.47 -7.11
CA GLU B 297 -18.41 -11.42 -6.63
C GLU B 297 -19.70 -12.03 -6.09
N LYS B 298 -20.32 -12.92 -6.87
CA LYS B 298 -21.58 -13.49 -6.45
C LYS B 298 -21.49 -14.19 -5.10
N ILE B 299 -20.46 -15.02 -4.89
CA ILE B 299 -20.40 -15.74 -3.60
C ILE B 299 -19.96 -14.81 -2.48
N MET B 300 -19.17 -13.79 -2.79
CA MET B 300 -18.81 -12.83 -1.75
C MET B 300 -20.03 -12.05 -1.28
N GLU B 301 -20.89 -11.65 -2.22
CA GLU B 301 -22.08 -10.88 -1.88
C GLU B 301 -23.08 -11.69 -1.07
N ASN B 302 -23.34 -12.94 -1.45
CA ASN B 302 -24.33 -13.74 -0.72
C ASN B 302 -23.81 -14.24 0.62
N LYS B 303 -22.50 -14.27 0.84
CA LYS B 303 -21.92 -14.88 2.03
C LYS B 303 -21.20 -13.90 2.95
N TYR B 304 -20.58 -12.85 2.41
CA TYR B 304 -19.90 -11.84 3.23
C TYR B 304 -20.30 -10.43 2.79
N PRO B 305 -21.59 -10.11 2.76
CA PRO B 305 -21.97 -8.72 2.52
C PRO B 305 -21.69 -7.79 3.69
N GLU B 306 -21.22 -8.31 4.84
CA GLU B 306 -20.87 -7.46 5.97
C GLU B 306 -19.54 -6.76 5.73
N LEU B 307 -18.60 -7.42 5.05
CA LEU B 307 -17.30 -6.81 4.78
C LEU B 307 -17.45 -5.65 3.79
N LEU B 308 -18.35 -5.79 2.82
CA LEU B 308 -18.49 -4.79 1.76
C LEU B 308 -19.51 -3.71 2.11
N1 V7X C . -12.63 -46.63 14.73
C7 V7X C . -13.91 -47.77 16.35
C8 V7X C . -12.99 -46.59 16.15
N2 V7X C . -11.51 -47.04 11.32
C9 V7X C . -12.24 -46.02 12.20
C1 V7X C . -10.15 -44.96 12.91
C5 V7X C . -13.02 -47.91 14.19
C6 V7X C . -14.28 -48.17 14.95
C4 V7X C . -9.39 -45.29 15.07
C3 V7X C . -11.38 -46.12 14.45
C2 V7X C . -11.25 -45.67 13.23
N V7X C . -10.46 -45.98 15.39
C V7X C . -9.20 -44.74 13.84
#